data_9DC9
#
_entry.id   9DC9
#
_cell.length_a   89.749
_cell.length_b   89.749
_cell.length_c   85.963
_cell.angle_alpha   90.00
_cell.angle_beta   90.00
_cell.angle_gamma   90.00
#
_symmetry.space_group_name_H-M   'I 4'
#
loop_
_entity.id
_entity.type
_entity.pdbx_description
1 polymer "Inosine-5'-monophosphate dehydrogenase"
2 non-polymer 'INOSINIC ACID'
3 non-polymer (3P)-3-(4-chloro-1H-imidazol-2-yl)-5-[(1R)-1-{[(3M)-3-(1H-pyrazol-5-yl)phenyl]oxy}ethyl]pyridine
4 water water
#
_entity_poly.entity_id   1
_entity_poly.type   'polypeptide(L)'
_entity_poly.pdbx_seq_one_letter_code
;MHHHHHHGENLYFQGSSRGMSGLEDSSDLVVSPYVRMGGLTTDPVPTGGDDPHKVAMLGLTFDDVLLLPAASDVVPATAD
TSSQLTKKIRLKVPLVSSAMDTVTESRMAIAMARAGGMGVLHRNLPVAEQAGQVEMVKRSGGLLVGAAVGVGGDAWVRAM
MLVDAGVDVLVVDTAHAHNRLVLDMVGKLKSEVGDRVEVVGGNVATRSAAAALVDAGADAVKVGVGPGSICTTRVVAGVG
APQITAILEAVAACRPAGVPVIADGGLQYSGDIAKALAAGASTAMLGSLLAGTAEAPGELIFVNGKQYKSYRGMGSLGAM
RGRGGATSYSKDRYFADDALSEDKLVPEGIEGRVPFRGPLSSVIHQLTGGLRAAMGYTGSPTIEVLQQAQFVRITPAGLK
ESHPHDVAMTVEAPNYYARGNS
;
_entity_poly.pdbx_strand_id   A
#
loop_
_chem_comp.id
_chem_comp.type
_chem_comp.name
_chem_comp.formula
A1A3K non-polymer (3P)-3-(4-chloro-1H-imidazol-2-yl)-5-[(1R)-1-{[(3M)-3-(1H-pyrazol-5-yl)phenyl]oxy}ethyl]pyridine 'C19 H16 Cl N5 O'
IMP non-polymer 'INOSINIC ACID' 'C10 H13 N4 O8 P'
#
# COMPACT_ATOMS: atom_id res chain seq x y z
N THR A 42 33.49 26.89 16.18
CA THR A 42 32.34 26.62 15.33
C THR A 42 31.11 26.28 16.18
N ASP A 43 29.97 26.87 15.84
CA ASP A 43 28.77 26.72 16.64
C ASP A 43 28.18 25.32 16.53
N PRO A 44 27.49 24.85 17.56
CA PRO A 44 26.83 23.54 17.47
C PRO A 44 25.65 23.58 16.52
N VAL A 45 25.28 22.41 16.03
CA VAL A 45 23.99 22.27 15.36
C VAL A 45 22.88 22.68 16.35
N PRO A 46 21.86 23.43 15.94
CA PRO A 46 20.88 23.92 16.92
C PRO A 46 20.11 22.83 17.67
N THR A 47 19.99 21.62 17.13
CA THR A 47 19.35 20.51 17.84
C THR A 47 20.33 19.59 18.58
N GLY A 48 21.63 19.86 18.53
CA GLY A 48 22.61 19.15 19.33
C GLY A 48 23.76 18.49 18.60
N GLY A 49 24.94 18.51 19.21
CA GLY A 49 26.13 17.93 18.59
C GLY A 49 26.70 18.83 17.50
N ASP A 50 27.75 18.32 16.84
CA ASP A 50 28.46 19.07 15.80
C ASP A 50 28.27 18.49 14.39
N ASP A 51 27.39 17.49 14.22
CA ASP A 51 27.20 16.83 12.92
C ASP A 51 25.89 17.26 12.29
N PRO A 52 25.89 18.06 11.21
CA PRO A 52 24.61 18.52 10.63
C PRO A 52 23.82 17.47 9.89
N HIS A 53 24.33 16.24 9.75
CA HIS A 53 23.61 15.16 9.08
C HIS A 53 23.13 14.07 10.02
N LYS A 54 23.35 14.22 11.34
CA LYS A 54 22.86 13.22 12.31
C LYS A 54 21.34 13.13 12.29
N VAL A 55 20.66 14.29 12.32
CA VAL A 55 19.23 14.41 12.05
C VAL A 55 19.15 14.79 10.57
N ALA A 56 18.86 13.80 9.72
CA ALA A 56 19.14 13.92 8.28
C ALA A 56 18.04 14.59 7.48
N MET A 57 16.80 14.55 7.97
N MET A 57 16.80 14.54 7.93
CA MET A 57 15.63 14.97 7.20
CA MET A 57 15.66 15.08 7.17
C MET A 57 14.52 15.39 8.15
C MET A 57 14.50 15.35 8.12
N LEU A 58 13.53 16.13 7.62
CA LEU A 58 12.26 16.40 8.32
C LEU A 58 11.16 15.62 7.60
N GLY A 59 10.60 14.63 8.27
CA GLY A 59 9.63 13.73 7.63
C GLY A 59 8.17 14.16 7.78
N LEU A 60 7.48 14.26 6.62
CA LEU A 60 6.06 14.58 6.57
C LEU A 60 5.20 13.33 6.39
N THR A 61 4.07 13.27 7.12
CA THR A 61 3.05 12.25 6.90
C THR A 61 1.83 12.84 6.17
N PHE A 62 0.80 12.00 5.91
CA PHE A 62 -0.36 12.47 5.16
C PHE A 62 -1.03 13.67 5.83
N ASP A 63 -1.17 13.65 7.16
CA ASP A 63 -1.85 14.75 7.86
C ASP A 63 -1.08 16.07 7.81
N ASP A 64 0.20 16.07 7.39
CA ASP A 64 0.99 17.30 7.31
C ASP A 64 0.75 18.14 6.05
N VAL A 65 0.02 17.64 5.03
CA VAL A 65 -0.11 18.34 3.76
C VAL A 65 -1.55 18.31 3.23
N LEU A 66 -1.91 19.31 2.41
CA LEU A 66 -3.12 19.30 1.58
C LEU A 66 -2.73 19.60 0.14
N LEU A 67 -3.54 19.09 -0.81
CA LEU A 67 -3.39 19.46 -2.23
C LEU A 67 -3.98 20.84 -2.54
N LEU A 68 -3.20 21.69 -3.25
CA LEU A 68 -3.70 23.01 -3.64
C LEU A 68 -4.61 22.91 -4.88
N PRO A 69 -5.76 23.60 -4.87
CA PRO A 69 -6.56 23.70 -6.09
C PRO A 69 -5.77 24.40 -7.19
N ALA A 70 -6.06 24.06 -8.46
CA ALA A 70 -5.36 24.61 -9.62
C ALA A 70 -6.34 24.78 -10.79
N ALA A 71 -5.87 25.48 -11.85
CA ALA A 71 -6.73 25.69 -13.02
C ALA A 71 -7.16 24.35 -13.61
N SER A 72 -8.46 24.22 -13.90
CA SER A 72 -9.02 22.91 -14.26
C SER A 72 -10.13 22.98 -15.30
N ASP A 73 -10.06 22.07 -16.28
CA ASP A 73 -11.19 21.74 -17.15
C ASP A 73 -11.78 20.37 -16.82
N VAL A 74 -11.31 19.73 -15.75
CA VAL A 74 -11.69 18.36 -15.39
C VAL A 74 -12.83 18.42 -14.39
N VAL A 75 -13.86 17.60 -14.60
CA VAL A 75 -14.87 17.40 -13.57
C VAL A 75 -14.77 15.96 -13.09
N PRO A 76 -15.25 15.64 -11.89
CA PRO A 76 -15.01 14.30 -11.34
C PRO A 76 -15.43 13.18 -12.29
N ALA A 77 -16.53 13.38 -13.03
CA ALA A 77 -17.03 12.35 -13.93
C ALA A 77 -16.12 12.10 -15.14
N THR A 78 -15.32 13.07 -15.55
CA THR A 78 -14.51 12.87 -16.75
C THR A 78 -13.09 12.43 -16.44
N ALA A 79 -12.70 12.33 -15.17
CA ALA A 79 -11.34 11.90 -14.84
C ALA A 79 -11.09 10.43 -15.23
N ASP A 80 -9.82 10.13 -15.59
CA ASP A 80 -9.37 8.78 -15.95
C ASP A 80 -8.47 8.28 -14.83
N THR A 81 -8.94 7.28 -14.07
CA THR A 81 -8.22 6.80 -12.88
C THR A 81 -7.21 5.65 -13.15
N SER A 82 -6.97 5.26 -14.42
CA SER A 82 -6.07 4.13 -14.67
C SER A 82 -4.61 4.47 -14.37
N SER A 83 -3.81 3.45 -14.03
CA SER A 83 -2.42 3.67 -13.63
C SER A 83 -1.64 2.36 -13.65
N GLN A 84 -0.32 2.46 -13.80
CA GLN A 84 0.53 1.27 -13.80
C GLN A 84 0.71 0.69 -12.40
N LEU A 85 0.42 -0.61 -12.26
CA LEU A 85 0.85 -1.38 -11.09
C LEU A 85 2.32 -1.78 -11.21
N THR A 86 2.73 -2.31 -12.37
CA THR A 86 4.11 -2.70 -12.65
C THR A 86 4.47 -2.18 -14.04
N LYS A 87 5.72 -2.43 -14.47
CA LYS A 87 6.12 -2.02 -15.82
C LYS A 87 5.12 -2.48 -16.88
N LYS A 88 4.64 -3.73 -16.82
CA LYS A 88 3.78 -4.25 -17.87
C LYS A 88 2.28 -4.27 -17.56
N ILE A 89 1.86 -4.06 -16.30
CA ILE A 89 0.45 -4.24 -15.93
C ILE A 89 -0.16 -2.89 -15.54
N ARG A 90 -1.25 -2.51 -16.22
CA ARG A 90 -2.01 -1.28 -15.92
C ARG A 90 -3.38 -1.67 -15.37
N LEU A 91 -3.80 -1.01 -14.29
CA LEU A 91 -5.09 -1.22 -13.66
C LEU A 91 -6.07 -0.09 -14.00
N LYS A 92 -7.39 -0.42 -14.00
CA LYS A 92 -8.40 0.61 -14.20
C LYS A 92 -8.61 1.49 -12.96
N VAL A 93 -8.42 0.93 -11.76
CA VAL A 93 -8.55 1.63 -10.48
C VAL A 93 -7.23 1.40 -9.75
N PRO A 94 -6.54 2.46 -9.22
CA PRO A 94 -5.16 2.30 -8.76
C PRO A 94 -5.00 1.81 -7.32
N LEU A 95 -5.68 0.72 -6.97
CA LEU A 95 -5.75 0.20 -5.60
C LEU A 95 -5.53 -1.31 -5.54
N VAL A 96 -4.77 -1.76 -4.55
N VAL A 96 -4.84 -1.75 -4.50
CA VAL A 96 -4.56 -3.18 -4.31
CA VAL A 96 -4.51 -3.16 -4.28
C VAL A 96 -4.78 -3.47 -2.82
C VAL A 96 -4.68 -3.51 -2.81
N SER A 97 -5.23 -4.69 -2.52
CA SER A 97 -5.48 -5.11 -1.14
C SER A 97 -4.25 -5.76 -0.50
N SER A 98 -4.06 -5.50 0.81
CA SER A 98 -2.88 -5.97 1.55
C SER A 98 -2.79 -7.50 1.61
N ALA A 99 -1.56 -7.99 1.67
CA ALA A 99 -1.29 -9.44 1.73
C ALA A 99 -1.30 -9.92 3.19
N MET A 100 -2.50 -9.95 3.77
CA MET A 100 -2.67 -10.19 5.20
C MET A 100 -3.78 -11.23 5.41
N ASP A 101 -3.65 -12.05 6.47
CA ASP A 101 -4.61 -13.13 6.67
C ASP A 101 -5.94 -12.68 7.25
N THR A 102 -6.13 -11.37 7.49
CA THR A 102 -7.43 -10.80 7.78
C THR A 102 -7.90 -9.84 6.68
N VAL A 103 -7.28 -9.88 5.50
CA VAL A 103 -7.69 -8.99 4.40
C VAL A 103 -7.90 -9.73 3.08
N THR A 104 -6.93 -10.51 2.58
CA THR A 104 -7.01 -11.04 1.21
C THR A 104 -6.84 -12.57 1.13
N GLU A 105 -7.95 -13.28 0.90
CA GLU A 105 -7.93 -14.61 0.29
C GLU A 105 -8.74 -14.57 -1.01
N SER A 106 -9.24 -15.71 -1.50
CA SER A 106 -9.76 -15.76 -2.86
C SER A 106 -10.96 -14.83 -3.08
N ARG A 107 -11.86 -14.70 -2.10
CA ARG A 107 -13.06 -13.88 -2.30
C ARG A 107 -12.71 -12.40 -2.46
N MET A 108 -11.76 -11.91 -1.67
CA MET A 108 -11.34 -10.51 -1.82
C MET A 108 -10.60 -10.28 -3.13
N ALA A 109 -9.76 -11.24 -3.55
CA ALA A 109 -9.04 -11.05 -4.81
C ALA A 109 -9.99 -11.01 -6.01
N ILE A 110 -11.04 -11.85 -5.99
CA ILE A 110 -12.01 -11.82 -7.09
C ILE A 110 -12.74 -10.47 -7.12
N ALA A 111 -13.18 -9.99 -5.96
CA ALA A 111 -13.93 -8.73 -5.91
C ALA A 111 -13.07 -7.53 -6.29
N MET A 112 -11.81 -7.50 -5.86
CA MET A 112 -10.92 -6.41 -6.24
C MET A 112 -10.68 -6.36 -7.75
N ALA A 113 -10.45 -7.52 -8.38
CA ALA A 113 -10.23 -7.53 -9.83
C ALA A 113 -11.49 -7.10 -10.58
N ARG A 114 -12.67 -7.53 -10.13
CA ARG A 114 -13.89 -7.11 -10.80
C ARG A 114 -14.15 -5.61 -10.64
N ALA A 115 -13.68 -5.02 -9.53
CA ALA A 115 -13.80 -3.60 -9.31
C ALA A 115 -12.76 -2.78 -10.08
N GLY A 116 -11.82 -3.43 -10.75
CA GLY A 116 -10.81 -2.73 -11.53
C GLY A 116 -9.44 -2.62 -10.88
N GLY A 117 -9.27 -3.17 -9.67
CA GLY A 117 -7.99 -3.20 -8.96
C GLY A 117 -7.37 -4.60 -8.93
N MET A 118 -6.70 -4.98 -7.83
CA MET A 118 -6.12 -6.32 -7.72
C MET A 118 -5.95 -6.66 -6.25
N GLY A 119 -5.93 -7.97 -5.95
CA GLY A 119 -5.61 -8.47 -4.61
C GLY A 119 -4.26 -9.17 -4.61
N VAL A 120 -3.57 -9.13 -3.47
CA VAL A 120 -2.34 -9.90 -3.25
C VAL A 120 -2.63 -10.92 -2.15
N LEU A 121 -2.65 -12.22 -2.51
CA LEU A 121 -2.94 -13.28 -1.53
C LEU A 121 -1.84 -13.43 -0.47
N HIS A 122 -2.24 -13.60 0.80
CA HIS A 122 -1.28 -13.70 1.91
C HIS A 122 -0.57 -15.06 1.89
N ARG A 123 0.52 -15.15 2.66
CA ARG A 123 1.38 -16.33 2.63
C ARG A 123 1.46 -17.06 3.97
N ASN A 124 0.51 -16.85 4.87
CA ASN A 124 0.48 -17.52 6.18
C ASN A 124 -0.40 -18.77 6.12
N LEU A 125 -0.04 -19.67 5.21
CA LEU A 125 -0.77 -20.92 4.99
C LEU A 125 0.07 -21.85 4.12
N PRO A 126 -0.29 -23.14 4.04
CA PRO A 126 0.54 -24.07 3.27
C PRO A 126 0.63 -23.67 1.80
N VAL A 127 1.74 -24.08 1.17
CA VAL A 127 1.96 -23.78 -0.25
C VAL A 127 0.80 -24.29 -1.10
N ALA A 128 0.37 -25.55 -0.87
CA ALA A 128 -0.69 -26.11 -1.69
C ALA A 128 -1.99 -25.32 -1.57
N GLU A 129 -2.28 -24.77 -0.39
CA GLU A 129 -3.50 -23.99 -0.23
C GLU A 129 -3.40 -22.64 -0.93
N GLN A 130 -2.24 -21.97 -0.84
CA GLN A 130 -2.09 -20.68 -1.51
C GLN A 130 -2.19 -20.84 -3.03
N ALA A 131 -1.58 -21.90 -3.57
CA ALA A 131 -1.65 -22.16 -5.00
C ALA A 131 -3.08 -22.46 -5.44
N GLY A 132 -3.84 -23.16 -4.60
CA GLY A 132 -5.23 -23.43 -4.90
C GLY A 132 -6.13 -22.21 -4.90
N GLN A 133 -5.80 -21.21 -4.08
CA GLN A 133 -6.57 -19.97 -4.11
C GLN A 133 -6.30 -19.19 -5.38
N VAL A 134 -5.07 -19.27 -5.92
CA VAL A 134 -4.79 -18.69 -7.22
C VAL A 134 -5.69 -19.33 -8.29
N GLU A 135 -5.84 -20.66 -8.24
CA GLU A 135 -6.67 -21.33 -9.25
C GLU A 135 -8.13 -20.91 -9.14
N MET A 136 -8.65 -20.80 -7.91
CA MET A 136 -10.03 -20.36 -7.74
C MET A 136 -10.26 -18.99 -8.38
N VAL A 137 -9.29 -18.08 -8.23
CA VAL A 137 -9.46 -16.76 -8.85
C VAL A 137 -9.45 -16.88 -10.36
N LYS A 138 -8.56 -17.71 -10.90
CA LYS A 138 -8.49 -17.87 -12.35
C LYS A 138 -9.71 -18.56 -12.93
N ARG A 139 -10.44 -19.32 -12.12
CA ARG A 139 -11.65 -19.98 -12.61
C ARG A 139 -12.85 -19.05 -12.66
N SER A 140 -12.72 -17.82 -12.14
CA SER A 140 -13.81 -16.85 -12.14
C SER A 140 -13.64 -15.80 -13.24
N GLY A 141 -12.95 -16.14 -14.33
CA GLY A 141 -12.90 -15.25 -15.47
C GLY A 141 -11.52 -14.79 -15.92
N GLY A 142 -10.47 -15.50 -15.54
CA GLY A 142 -9.14 -15.06 -15.94
C GLY A 142 -8.78 -13.70 -15.39
N LEU A 143 -9.26 -13.38 -14.20
CA LEU A 143 -8.96 -12.12 -13.54
C LEU A 143 -7.49 -12.04 -13.15
N LEU A 144 -6.97 -10.81 -13.02
CA LEU A 144 -5.61 -10.60 -12.51
C LEU A 144 -5.52 -10.95 -11.02
N VAL A 145 -4.36 -11.52 -10.61
CA VAL A 145 -4.13 -11.83 -9.20
C VAL A 145 -2.63 -11.83 -8.88
N GLY A 146 -2.29 -11.42 -7.65
CA GLY A 146 -0.95 -11.55 -7.13
C GLY A 146 -0.87 -12.40 -5.87
N ALA A 147 0.36 -12.74 -5.48
CA ALA A 147 0.59 -13.56 -4.28
C ALA A 147 1.95 -13.25 -3.66
N ALA A 148 1.99 -13.20 -2.31
CA ALA A 148 3.20 -12.92 -1.55
C ALA A 148 4.09 -14.15 -1.36
N VAL A 149 5.42 -13.94 -1.36
CA VAL A 149 6.40 -14.95 -0.97
C VAL A 149 7.50 -14.29 -0.12
N GLY A 150 8.18 -15.11 0.70
CA GLY A 150 9.32 -14.66 1.52
C GLY A 150 10.65 -14.82 0.82
N VAL A 151 11.69 -15.11 1.61
CA VAL A 151 13.05 -15.25 1.10
C VAL A 151 13.63 -16.59 1.56
N GLY A 152 14.27 -17.32 0.66
CA GLY A 152 14.94 -18.57 0.99
C GLY A 152 14.44 -19.75 0.17
N GLY A 153 14.90 -20.95 0.55
CA GLY A 153 14.58 -22.14 -0.23
C GLY A 153 13.10 -22.51 -0.23
N ASP A 154 12.46 -22.47 0.94
CA ASP A 154 11.02 -22.75 0.99
C ASP A 154 10.21 -21.72 0.22
N ALA A 155 10.60 -20.44 0.29
CA ALA A 155 9.91 -19.41 -0.49
C ALA A 155 10.11 -19.61 -1.99
N TRP A 156 11.22 -20.23 -2.40
CA TRP A 156 11.44 -20.52 -3.81
C TRP A 156 10.47 -21.59 -4.31
N VAL A 157 10.33 -22.69 -3.56
CA VAL A 157 9.37 -23.73 -3.90
C VAL A 157 7.96 -23.14 -3.97
N ARG A 158 7.61 -22.28 -2.99
CA ARG A 158 6.30 -21.60 -3.02
C ARG A 158 6.13 -20.80 -4.31
N ALA A 159 7.14 -19.99 -4.66
CA ALA A 159 7.05 -19.17 -5.87
C ALA A 159 6.83 -20.02 -7.12
N MET A 160 7.55 -21.13 -7.25
CA MET A 160 7.39 -21.93 -8.47
C MET A 160 6.00 -22.54 -8.57
N MET A 161 5.42 -22.97 -7.44
CA MET A 161 4.05 -23.52 -7.49
C MET A 161 3.03 -22.44 -7.84
N LEU A 162 3.21 -21.21 -7.34
CA LEU A 162 2.29 -20.14 -7.70
C LEU A 162 2.35 -19.82 -9.19
N VAL A 163 3.55 -19.83 -9.78
CA VAL A 163 3.68 -19.58 -11.22
C VAL A 163 2.97 -20.67 -12.01
N ASP A 164 3.16 -21.93 -11.61
CA ASP A 164 2.49 -23.03 -12.30
C ASP A 164 0.97 -22.90 -12.23
N ALA A 165 0.46 -22.28 -11.15
CA ALA A 165 -0.99 -22.12 -11.00
C ALA A 165 -1.55 -20.93 -11.76
N GLY A 166 -0.71 -20.11 -12.38
CA GLY A 166 -1.17 -19.02 -13.22
C GLY A 166 -1.08 -17.63 -12.64
N VAL A 167 -0.34 -17.42 -11.55
CA VAL A 167 -0.31 -16.08 -10.92
C VAL A 167 0.30 -15.06 -11.89
N ASP A 168 -0.18 -13.81 -11.80
CA ASP A 168 0.30 -12.73 -12.67
C ASP A 168 1.45 -11.93 -12.07
N VAL A 169 1.47 -11.78 -10.73
CA VAL A 169 2.44 -10.96 -10.01
C VAL A 169 2.92 -11.71 -8.78
N LEU A 170 4.24 -11.81 -8.60
CA LEU A 170 4.83 -12.27 -7.34
C LEU A 170 5.31 -11.07 -6.53
N VAL A 171 5.02 -11.05 -5.22
CA VAL A 171 5.43 -9.95 -4.35
C VAL A 171 6.41 -10.52 -3.32
N VAL A 172 7.70 -10.19 -3.46
CA VAL A 172 8.69 -10.50 -2.42
C VAL A 172 8.40 -9.57 -1.24
N ASP A 173 7.99 -10.17 -0.11
CA ASP A 173 7.20 -9.55 0.97
C ASP A 173 8.01 -9.60 2.27
N THR A 174 8.73 -8.52 2.62
CA THR A 174 9.62 -8.50 3.78
C THR A 174 9.45 -7.22 4.60
N ALA A 175 9.89 -7.30 5.87
CA ALA A 175 9.87 -6.13 6.76
C ALA A 175 10.97 -5.13 6.41
N HIS A 176 12.11 -5.61 5.88
CA HIS A 176 13.26 -4.75 5.56
C HIS A 176 13.92 -5.27 4.27
N ALA A 177 13.60 -4.64 3.13
CA ALA A 177 14.10 -5.11 1.83
C ALA A 177 15.54 -4.67 1.51
N HIS A 178 16.16 -3.79 2.30
CA HIS A 178 17.51 -3.27 1.99
C HIS A 178 18.58 -4.23 2.51
N ASN A 179 18.61 -5.41 1.89
CA ASN A 179 19.38 -6.57 2.38
C ASN A 179 19.74 -7.43 1.19
N ARG A 180 20.99 -7.93 1.13
CA ARG A 180 21.43 -8.62 -0.09
C ARG A 180 20.64 -9.90 -0.36
N LEU A 181 20.18 -10.59 0.68
CA LEU A 181 19.39 -11.80 0.44
C LEU A 181 18.06 -11.47 -0.24
N VAL A 182 17.44 -10.34 0.12
CA VAL A 182 16.18 -9.95 -0.52
C VAL A 182 16.40 -9.54 -1.97
N LEU A 183 17.46 -8.76 -2.22
CA LEU A 183 17.80 -8.34 -3.58
C LEU A 183 18.11 -9.55 -4.47
N ASP A 184 18.82 -10.55 -3.92
CA ASP A 184 19.09 -11.79 -4.66
C ASP A 184 17.81 -12.52 -5.04
N MET A 185 16.85 -12.58 -4.12
CA MET A 185 15.58 -13.26 -4.41
C MET A 185 14.85 -12.58 -5.56
N VAL A 186 14.77 -11.25 -5.54
CA VAL A 186 14.14 -10.52 -6.64
C VAL A 186 14.82 -10.81 -7.98
N GLY A 187 16.16 -10.73 -8.00
CA GLY A 187 16.88 -10.92 -9.24
C GLY A 187 16.80 -12.35 -9.77
N LYS A 188 16.80 -13.34 -8.88
CA LYS A 188 16.73 -14.73 -9.33
C LYS A 188 15.34 -15.07 -9.88
N LEU A 189 14.29 -14.54 -9.26
CA LEU A 189 12.95 -14.72 -9.81
C LEU A 189 12.84 -14.10 -11.20
N LYS A 190 13.33 -12.87 -11.36
CA LYS A 190 13.26 -12.22 -12.66
C LYS A 190 14.02 -13.01 -13.72
N SER A 191 15.17 -13.57 -13.35
CA SER A 191 15.95 -14.35 -14.32
C SER A 191 15.23 -15.63 -14.75
N GLU A 192 14.59 -16.32 -13.80
CA GLU A 192 14.02 -17.64 -14.10
C GLU A 192 12.62 -17.58 -14.70
N VAL A 193 11.75 -16.70 -14.20
CA VAL A 193 10.36 -16.69 -14.62
C VAL A 193 9.91 -15.30 -15.03
N GLY A 194 10.86 -14.37 -15.18
CA GLY A 194 10.54 -12.98 -15.46
C GLY A 194 9.86 -12.75 -16.80
N ASP A 195 9.93 -13.72 -17.71
CA ASP A 195 9.21 -13.60 -18.97
C ASP A 195 7.73 -13.84 -18.81
N ARG A 196 7.34 -14.62 -17.81
CA ARG A 196 5.94 -14.99 -17.59
C ARG A 196 5.26 -14.16 -16.52
N VAL A 197 5.97 -13.73 -15.47
N VAL A 197 6.01 -13.67 -15.52
CA VAL A 197 5.35 -13.06 -14.33
CA VAL A 197 5.47 -13.08 -14.31
C VAL A 197 6.13 -11.82 -13.95
C VAL A 197 6.16 -11.75 -14.03
N GLU A 198 5.42 -10.81 -13.45
CA GLU A 198 6.01 -9.58 -12.95
C GLU A 198 6.41 -9.75 -11.48
N VAL A 199 7.50 -9.09 -11.08
CA VAL A 199 8.13 -9.30 -9.76
C VAL A 199 8.24 -7.96 -9.01
N VAL A 200 7.55 -7.86 -7.83
CA VAL A 200 7.58 -6.69 -6.95
C VAL A 200 8.47 -6.98 -5.75
N GLY A 201 9.17 -5.96 -5.25
CA GLY A 201 9.92 -6.10 -4.02
C GLY A 201 9.64 -4.98 -3.03
N GLY A 202 9.70 -5.33 -1.74
CA GLY A 202 9.47 -4.35 -0.66
C GLY A 202 9.61 -5.04 0.69
N ASN A 203 9.51 -4.25 1.77
CA ASN A 203 9.25 -2.79 1.75
C ASN A 203 10.50 -1.94 2.04
N VAL A 204 10.53 -0.72 1.48
CA VAL A 204 11.62 0.24 1.67
C VAL A 204 11.06 1.59 2.11
N ALA A 205 11.97 2.48 2.58
CA ALA A 205 11.55 3.83 3.00
C ALA A 205 12.60 4.91 2.70
N THR A 206 13.61 4.61 1.88
CA THR A 206 14.65 5.57 1.52
C THR A 206 14.95 5.50 0.01
N ARG A 207 15.58 6.57 -0.48
CA ARG A 207 16.06 6.64 -1.85
C ARG A 207 17.07 5.53 -2.17
N SER A 208 18.05 5.31 -1.27
N SER A 208 18.05 5.31 -1.27
CA SER A 208 19.09 4.32 -1.53
CA SER A 208 19.08 4.31 -1.53
C SER A 208 18.53 2.89 -1.58
C SER A 208 18.50 2.90 -1.61
N ALA A 209 17.56 2.57 -0.71
CA ALA A 209 16.94 1.25 -0.74
C ALA A 209 16.12 1.04 -2.03
N ALA A 210 15.37 2.05 -2.45
CA ALA A 210 14.61 1.93 -3.71
C ALA A 210 15.56 1.75 -4.89
N ALA A 211 16.67 2.49 -4.92
CA ALA A 211 17.64 2.35 -6.01
C ALA A 211 18.22 0.93 -6.06
N ALA A 212 18.46 0.31 -4.89
CA ALA A 212 18.99 -1.06 -4.90
C ALA A 212 18.01 -2.06 -5.49
N LEU A 213 16.71 -1.90 -5.21
CA LEU A 213 15.70 -2.78 -5.81
C LEU A 213 15.58 -2.54 -7.32
N VAL A 214 15.72 -1.29 -7.77
CA VAL A 214 15.70 -1.01 -9.21
C VAL A 214 16.85 -1.74 -9.91
N ASP A 215 18.05 -1.67 -9.32
CA ASP A 215 19.22 -2.32 -9.93
C ASP A 215 19.10 -3.84 -9.94
N ALA A 216 18.35 -4.41 -9.01
CA ALA A 216 18.15 -5.86 -8.96
C ALA A 216 17.12 -6.37 -9.96
N GLY A 217 16.39 -5.48 -10.65
CA GLY A 217 15.43 -5.84 -11.67
C GLY A 217 13.96 -5.76 -11.29
N ALA A 218 13.61 -5.12 -10.17
CA ALA A 218 12.22 -5.10 -9.75
C ALA A 218 11.32 -4.43 -10.80
N ASP A 219 10.12 -4.97 -10.97
CA ASP A 219 9.11 -4.40 -11.86
C ASP A 219 8.24 -3.34 -11.17
N ALA A 220 8.28 -3.27 -9.84
CA ALA A 220 7.69 -2.21 -9.02
C ALA A 220 8.34 -2.27 -7.64
N VAL A 221 8.32 -1.13 -6.92
CA VAL A 221 8.95 -0.99 -5.59
C VAL A 221 7.87 -0.58 -4.59
N LYS A 222 7.75 -1.30 -3.48
CA LYS A 222 6.71 -1.04 -2.49
C LYS A 222 7.29 -0.31 -1.28
N VAL A 223 6.65 0.81 -0.87
CA VAL A 223 7.18 1.75 0.11
C VAL A 223 6.33 1.74 1.38
N GLY A 224 6.98 1.63 2.53
CA GLY A 224 6.31 1.72 3.83
C GLY A 224 7.02 0.96 4.94
N VAL A 225 7.75 1.68 5.82
CA VAL A 225 8.33 1.10 7.05
C VAL A 225 7.91 2.03 8.19
N GLY A 226 7.01 1.55 9.06
CA GLY A 226 6.49 2.36 10.15
C GLY A 226 5.02 2.82 10.12
N PRO A 227 4.43 3.04 8.93
CA PRO A 227 3.16 3.80 8.87
C PRO A 227 1.84 3.05 9.09
N GLY A 228 1.84 1.72 9.13
CA GLY A 228 0.59 0.99 9.10
C GLY A 228 -0.22 1.12 10.38
N SER A 229 -1.55 1.02 10.24
CA SER A 229 -2.45 1.24 11.37
C SER A 229 -2.21 0.25 12.51
N ILE A 230 -1.80 -0.98 12.18
CA ILE A 230 -1.55 -2.04 13.17
C ILE A 230 -0.06 -2.21 13.44
N CYS A 231 0.79 -1.30 12.97
CA CYS A 231 2.24 -1.42 13.13
C CYS A 231 2.70 -0.91 14.49
N THR A 232 3.61 -1.65 15.14
CA THR A 232 4.28 -1.17 16.34
C THR A 232 5.80 -1.13 16.18
N THR A 233 6.31 -1.28 14.95
CA THR A 233 7.74 -1.11 14.70
C THR A 233 8.25 0.23 15.25
N ARG A 234 7.44 1.29 15.10
CA ARG A 234 7.87 2.61 15.56
C ARG A 234 8.14 2.66 17.06
N VAL A 235 7.38 1.93 17.87
N VAL A 235 7.35 1.94 17.84
CA VAL A 235 7.63 2.01 19.31
CA VAL A 235 7.50 1.95 19.30
C VAL A 235 8.45 0.82 19.83
C VAL A 235 8.43 0.85 19.80
N VAL A 236 8.38 -0.33 19.17
CA VAL A 236 9.17 -1.48 19.61
C VAL A 236 10.64 -1.34 19.22
N ALA A 237 10.91 -0.93 17.98
CA ALA A 237 12.28 -0.77 17.48
C ALA A 237 12.71 0.71 17.43
N GLY A 238 11.78 1.65 17.51
CA GLY A 238 12.11 3.06 17.34
C GLY A 238 12.48 3.45 15.91
N VAL A 239 12.02 2.69 14.91
CA VAL A 239 12.40 2.79 13.50
C VAL A 239 11.20 3.16 12.64
N GLY A 240 11.40 4.04 11.66
CA GLY A 240 10.34 4.34 10.70
C GLY A 240 10.65 5.56 9.86
N ALA A 241 9.71 5.85 8.93
CA ALA A 241 9.83 7.04 8.07
C ALA A 241 8.44 7.59 7.74
N PRO A 242 8.12 8.83 8.08
CA PRO A 242 6.83 9.41 7.65
C PRO A 242 6.60 9.23 6.14
N GLN A 243 5.37 8.88 5.76
N GLN A 243 5.37 8.88 5.77
CA GLN A 243 5.11 8.26 4.45
CA GLN A 243 5.14 8.29 4.44
C GLN A 243 5.13 9.24 3.26
C GLN A 243 5.33 9.29 3.30
N ILE A 244 4.80 10.52 3.43
CA ILE A 244 4.91 11.46 2.29
C ILE A 244 6.37 11.66 1.91
N THR A 245 7.25 11.85 2.91
CA THR A 245 8.69 11.97 2.63
C THR A 245 9.27 10.64 2.08
N ALA A 246 8.84 9.50 2.62
CA ALA A 246 9.31 8.21 2.10
C ALA A 246 8.96 8.03 0.62
N ILE A 247 7.74 8.41 0.22
CA ILE A 247 7.32 8.32 -1.18
C ILE A 247 8.14 9.28 -2.05
N LEU A 248 8.29 10.55 -1.61
CA LEU A 248 9.06 11.51 -2.39
C LEU A 248 10.50 11.02 -2.63
N GLU A 249 11.12 10.40 -1.62
CA GLU A 249 12.50 9.91 -1.77
C GLU A 249 12.56 8.68 -2.66
N ALA A 250 11.66 7.70 -2.48
CA ALA A 250 11.67 6.52 -3.33
C ALA A 250 11.41 6.87 -4.80
N VAL A 251 10.50 7.82 -5.05
CA VAL A 251 10.19 8.23 -6.42
C VAL A 251 11.39 8.90 -7.07
N ALA A 252 12.21 9.62 -6.28
CA ALA A 252 13.40 10.25 -6.84
C ALA A 252 14.35 9.22 -7.47
N ALA A 253 14.35 7.98 -6.96
CA ALA A 253 15.13 6.89 -7.56
C ALA A 253 14.37 6.11 -8.63
N CYS A 254 13.06 5.90 -8.45
CA CYS A 254 12.32 4.99 -9.32
C CYS A 254 11.80 5.69 -10.59
N ARG A 255 11.32 6.94 -10.49
CA ARG A 255 10.77 7.60 -11.67
C ARG A 255 11.79 7.74 -12.80
N PRO A 256 13.04 8.15 -12.56
CA PRO A 256 13.99 8.24 -13.67
C PRO A 256 14.27 6.92 -14.35
N ALA A 257 14.02 5.79 -13.68
CA ALA A 257 14.21 4.46 -14.27
C ALA A 257 12.92 3.87 -14.83
N GLY A 258 11.80 4.58 -14.75
CA GLY A 258 10.53 4.04 -15.25
C GLY A 258 9.94 2.89 -14.45
N VAL A 259 10.19 2.84 -13.15
CA VAL A 259 9.71 1.79 -12.27
C VAL A 259 8.60 2.36 -11.38
N PRO A 260 7.38 1.81 -11.43
CA PRO A 260 6.28 2.33 -10.58
C PRO A 260 6.50 2.06 -9.09
N VAL A 261 5.95 2.97 -8.25
CA VAL A 261 6.02 2.90 -6.79
C VAL A 261 4.62 2.63 -6.21
N ILE A 262 4.52 1.62 -5.32
CA ILE A 262 3.29 1.27 -4.60
C ILE A 262 3.37 1.85 -3.19
N ALA A 263 2.44 2.75 -2.82
CA ALA A 263 2.41 3.36 -1.48
C ALA A 263 1.63 2.46 -0.54
N ASP A 264 2.31 1.84 0.45
CA ASP A 264 1.75 0.77 1.29
C ASP A 264 1.73 1.14 2.77
N GLY A 265 0.54 1.45 3.31
CA GLY A 265 0.33 1.63 4.74
C GLY A 265 0.03 3.09 5.12
N GLY A 266 -0.79 3.24 6.17
CA GLY A 266 -1.08 4.57 6.74
C GLY A 266 -2.24 5.32 6.10
N LEU A 267 -2.87 4.77 5.07
CA LEU A 267 -3.97 5.48 4.40
C LEU A 267 -5.26 5.28 5.22
N GLN A 268 -5.86 6.41 5.66
CA GLN A 268 -7.02 6.37 6.53
C GLN A 268 -8.30 6.88 5.90
N TYR A 269 -8.20 7.73 4.87
CA TYR A 269 -9.33 8.35 4.21
C TYR A 269 -9.10 8.32 2.70
N SER A 270 -10.18 8.51 1.92
CA SER A 270 -10.01 8.54 0.47
C SER A 270 -9.04 9.65 0.04
N GLY A 271 -9.02 10.77 0.77
CA GLY A 271 -8.10 11.86 0.41
C GLY A 271 -6.64 11.49 0.55
N ASP A 272 -6.32 10.53 1.42
CA ASP A 272 -4.95 10.05 1.53
C ASP A 272 -4.47 9.36 0.26
N ILE A 273 -5.37 8.69 -0.49
CA ILE A 273 -5.00 8.09 -1.77
C ILE A 273 -4.54 9.18 -2.74
N ALA A 274 -5.29 10.29 -2.82
CA ALA A 274 -4.89 11.38 -3.73
C ALA A 274 -3.54 11.97 -3.33
N LYS A 275 -3.29 12.14 -2.02
CA LYS A 275 -2.00 12.67 -1.57
C LYS A 275 -0.84 11.74 -1.93
N ALA A 276 -1.03 10.42 -1.76
CA ALA A 276 0.04 9.45 -2.06
C ALA A 276 0.40 9.47 -3.54
N LEU A 277 -0.60 9.54 -4.44
CA LEU A 277 -0.32 9.56 -5.87
C LEU A 277 0.27 10.91 -6.30
N ALA A 278 -0.18 12.02 -5.70
CA ALA A 278 0.44 13.31 -6.00
C ALA A 278 1.90 13.38 -5.57
N ALA A 279 2.29 12.68 -4.49
CA ALA A 279 3.69 12.60 -4.11
C ALA A 279 4.51 11.78 -5.10
N GLY A 280 3.88 11.07 -6.03
CA GLY A 280 4.60 10.36 -7.08
C GLY A 280 4.33 8.87 -7.15
N ALA A 281 3.63 8.26 -6.19
CA ALA A 281 3.27 6.86 -6.29
C ALA A 281 2.30 6.63 -7.47
N SER A 282 2.28 5.38 -7.99
CA SER A 282 1.37 4.99 -9.07
C SER A 282 0.16 4.17 -8.62
N THR A 283 0.26 3.45 -7.49
CA THR A 283 -0.87 2.77 -6.87
C THR A 283 -0.74 2.87 -5.35
N ALA A 284 -1.83 2.53 -4.64
CA ALA A 284 -1.83 2.45 -3.17
C ALA A 284 -2.31 1.09 -2.69
N MET A 285 -1.69 0.56 -1.62
CA MET A 285 -2.10 -0.71 -1.00
C MET A 285 -2.79 -0.44 0.33
N LEU A 286 -3.94 -1.11 0.55
CA LEU A 286 -4.84 -0.81 1.68
C LEU A 286 -5.08 -2.05 2.54
N GLY A 287 -4.87 -1.91 3.85
CA GLY A 287 -5.25 -2.92 4.82
C GLY A 287 -6.48 -2.55 5.63
N SER A 288 -6.33 -1.61 6.57
N SER A 288 -6.36 -1.57 6.55
CA SER A 288 -7.45 -1.25 7.46
CA SER A 288 -7.45 -1.27 7.46
C SER A 288 -8.72 -0.89 6.68
C SER A 288 -8.72 -0.79 6.75
N LEU A 289 -8.59 -0.10 5.61
CA LEU A 289 -9.77 0.40 4.91
C LEU A 289 -10.58 -0.71 4.25
N LEU A 290 -9.98 -1.88 4.01
CA LEU A 290 -10.68 -3.00 3.39
C LEU A 290 -10.95 -4.17 4.34
N ALA A 291 -10.30 -4.20 5.51
CA ALA A 291 -10.51 -5.28 6.46
C ALA A 291 -11.93 -5.33 7.01
N GLY A 292 -12.68 -4.23 6.94
CA GLY A 292 -14.04 -4.28 7.44
C GLY A 292 -15.09 -4.82 6.48
N THR A 293 -14.72 -5.24 5.28
CA THR A 293 -15.71 -5.54 4.25
C THR A 293 -16.16 -7.00 4.31
N ALA A 294 -17.29 -7.27 3.65
CA ALA A 294 -17.87 -8.61 3.67
C ALA A 294 -16.89 -9.64 3.13
N GLU A 295 -16.09 -9.26 2.13
CA GLU A 295 -15.22 -10.20 1.44
C GLU A 295 -13.94 -10.53 2.20
N ALA A 296 -13.59 -9.74 3.22
CA ALA A 296 -12.38 -10.02 4.00
C ALA A 296 -12.56 -11.32 4.80
N PRO A 297 -11.48 -12.09 4.98
CA PRO A 297 -11.59 -13.34 5.74
C PRO A 297 -11.98 -13.10 7.18
N GLY A 298 -12.76 -14.02 7.74
CA GLY A 298 -13.23 -13.87 9.10
C GLY A 298 -14.74 -13.69 9.21
N GLU A 299 -15.27 -13.88 10.42
CA GLU A 299 -16.70 -13.77 10.67
C GLU A 299 -17.05 -12.42 11.27
N LEU A 300 -18.31 -12.03 11.14
CA LEU A 300 -18.78 -10.78 11.73
C LEU A 300 -18.80 -10.88 13.25
N ILE A 301 -18.59 -9.74 13.91
CA ILE A 301 -18.59 -9.66 15.37
C ILE A 301 -19.65 -8.65 15.79
N PHE A 302 -20.77 -9.16 16.32
CA PHE A 302 -21.83 -8.33 16.88
C PHE A 302 -21.53 -8.12 18.36
N VAL A 303 -21.19 -6.89 18.75
CA VAL A 303 -20.92 -6.57 20.14
C VAL A 303 -21.49 -5.19 20.44
N ASN A 304 -22.25 -5.09 21.54
CA ASN A 304 -22.91 -3.85 21.93
C ASN A 304 -23.70 -3.25 20.76
N GLY A 305 -24.48 -4.11 20.11
CA GLY A 305 -25.33 -3.69 19.01
C GLY A 305 -24.60 -3.23 17.76
N LYS A 306 -23.29 -3.00 17.84
CA LYS A 306 -22.49 -2.66 16.67
C LYS A 306 -21.70 -3.88 16.22
N GLN A 307 -21.17 -3.81 14.99
CA GLN A 307 -20.55 -4.93 14.33
C GLN A 307 -19.10 -4.61 13.98
N TYR A 308 -18.25 -5.65 14.05
CA TYR A 308 -16.82 -5.51 13.80
C TYR A 308 -16.29 -6.76 13.09
N LYS A 309 -15.05 -6.67 12.62
CA LYS A 309 -14.31 -7.83 12.13
C LYS A 309 -12.88 -7.73 12.61
N SER A 310 -12.24 -8.89 12.76
CA SER A 310 -10.85 -8.97 13.23
C SER A 310 -9.87 -8.39 12.22
N TYR A 311 -8.84 -7.70 12.71
CA TYR A 311 -7.75 -7.17 11.88
C TYR A 311 -6.46 -7.20 12.70
N ARG A 312 -5.41 -7.84 12.18
CA ARG A 312 -4.17 -8.02 12.94
C ARG A 312 -2.94 -7.91 12.05
N GLY A 313 -1.83 -7.41 12.62
CA GLY A 313 -0.58 -7.38 11.88
C GLY A 313 -0.03 -8.78 11.66
N MET A 314 0.74 -8.93 10.56
CA MET A 314 1.38 -10.22 10.29
C MET A 314 2.59 -10.46 11.18
N GLY A 315 3.04 -9.44 11.93
CA GLY A 315 4.06 -9.59 12.94
C GLY A 315 3.50 -9.54 14.35
N SER A 316 2.19 -9.77 14.50
CA SER A 316 1.57 -9.88 15.81
C SER A 316 1.80 -11.29 16.38
N LEU A 317 1.63 -11.41 17.70
CA LEU A 317 1.82 -12.71 18.35
C LEU A 317 0.94 -13.77 17.72
N GLY A 318 -0.34 -13.43 17.50
CA GLY A 318 -1.28 -14.42 16.98
C GLY A 318 -0.98 -14.86 15.54
N ALA A 319 -0.53 -13.94 14.69
CA ALA A 319 -0.23 -14.32 13.31
C ALA A 319 1.04 -15.16 13.23
N MET A 320 2.04 -14.85 14.06
CA MET A 320 3.27 -15.65 14.05
C MET A 320 3.04 -17.04 14.66
N ARG A 321 2.01 -17.20 15.48
CA ARG A 321 1.59 -18.51 15.95
C ARG A 321 0.38 -18.98 15.13
N LEU A 345 11.87 -13.60 17.61
CA LEU A 345 11.44 -12.23 17.34
C LEU A 345 10.36 -11.77 18.31
N VAL A 346 10.48 -10.55 18.83
CA VAL A 346 9.38 -9.96 19.58
C VAL A 346 8.37 -9.40 18.57
N PRO A 347 7.10 -9.33 18.92
CA PRO A 347 6.09 -8.83 17.96
C PRO A 347 6.32 -7.37 17.60
N GLU A 348 5.99 -7.05 16.33
CA GLU A 348 5.98 -5.69 15.80
C GLU A 348 4.62 -5.33 15.20
N GLY A 349 3.55 -5.99 15.65
CA GLY A 349 2.19 -5.63 15.29
C GLY A 349 1.21 -5.98 16.40
N ILE A 350 -0.01 -5.42 16.30
CA ILE A 350 -1.07 -5.68 17.28
C ILE A 350 -2.20 -6.49 16.65
N GLU A 351 -3.05 -7.05 17.52
CA GLU A 351 -4.27 -7.74 17.15
C GLU A 351 -5.46 -6.93 17.64
N GLY A 352 -6.40 -6.63 16.74
CA GLY A 352 -7.52 -5.78 17.07
C GLY A 352 -8.74 -6.02 16.19
N ARG A 353 -9.54 -4.97 16.00
CA ARG A 353 -10.81 -5.06 15.29
C ARG A 353 -11.13 -3.72 14.62
N VAL A 354 -11.95 -3.77 13.57
CA VAL A 354 -12.39 -2.57 12.87
C VAL A 354 -13.89 -2.65 12.64
N PRO A 355 -14.55 -1.52 12.44
CA PRO A 355 -16.00 -1.55 12.22
C PRO A 355 -16.36 -2.22 10.91
N PHE A 356 -17.50 -2.91 10.91
CA PHE A 356 -18.02 -3.55 9.70
C PHE A 356 -18.47 -2.50 8.69
N ARG A 357 -18.11 -2.71 7.42
CA ARG A 357 -18.28 -1.69 6.39
C ARG A 357 -19.16 -2.10 5.22
N GLY A 358 -19.63 -3.35 5.14
CA GLY A 358 -20.49 -3.76 4.06
C GLY A 358 -19.73 -4.34 2.88
N PRO A 359 -20.35 -4.35 1.70
CA PRO A 359 -19.71 -4.94 0.53
C PRO A 359 -18.51 -4.15 0.02
N LEU A 360 -17.53 -4.88 -0.51
CA LEU A 360 -16.31 -4.26 -1.03
C LEU A 360 -16.62 -3.30 -2.18
N SER A 361 -17.49 -3.71 -3.11
CA SER A 361 -17.83 -2.87 -4.26
C SER A 361 -18.21 -1.46 -3.83
N SER A 362 -18.99 -1.33 -2.75
CA SER A 362 -19.43 -0.02 -2.31
C SER A 362 -18.30 0.78 -1.64
N VAL A 363 -17.39 0.11 -0.94
CA VAL A 363 -16.25 0.81 -0.35
C VAL A 363 -15.35 1.37 -1.46
N ILE A 364 -15.04 0.54 -2.46
CA ILE A 364 -14.19 1.00 -3.56
C ILE A 364 -14.86 2.15 -4.31
N HIS A 365 -16.18 2.13 -4.45
CA HIS A 365 -16.87 3.23 -5.13
C HIS A 365 -16.65 4.56 -4.41
N GLN A 366 -16.72 4.55 -3.07
CA GLN A 366 -16.54 5.80 -2.32
C GLN A 366 -15.10 6.27 -2.38
N LEU A 367 -14.14 5.33 -2.31
CA LEU A 367 -12.73 5.71 -2.38
C LEU A 367 -12.37 6.31 -3.74
N THR A 368 -12.83 5.70 -4.84
CA THR A 368 -12.52 6.26 -6.15
C THR A 368 -13.25 7.58 -6.38
N GLY A 369 -14.43 7.76 -5.79
CA GLY A 369 -15.11 9.04 -5.91
C GLY A 369 -14.35 10.19 -5.26
N GLY A 370 -13.71 9.93 -4.13
CA GLY A 370 -12.87 10.97 -3.52
C GLY A 370 -11.65 11.29 -4.34
N LEU A 371 -10.99 10.25 -4.91
CA LEU A 371 -9.90 10.47 -5.85
C LEU A 371 -10.36 11.31 -7.04
N ARG A 372 -11.54 11.00 -7.61
CA ARG A 372 -12.03 11.78 -8.75
C ARG A 372 -12.25 13.24 -8.39
N ALA A 373 -12.75 13.52 -7.16
CA ALA A 373 -12.91 14.91 -6.71
C ALA A 373 -11.58 15.65 -6.67
N ALA A 374 -10.54 15.01 -6.11
CA ALA A 374 -9.20 15.59 -6.09
C ALA A 374 -8.69 15.89 -7.50
N MET A 375 -8.96 14.99 -8.46
CA MET A 375 -8.51 15.25 -9.83
C MET A 375 -9.24 16.45 -10.44
N GLY A 376 -10.52 16.65 -10.11
CA GLY A 376 -11.21 17.86 -10.53
C GLY A 376 -10.62 19.13 -9.96
N TYR A 377 -10.32 19.15 -8.65
CA TYR A 377 -9.79 20.35 -8.01
C TYR A 377 -8.38 20.71 -8.51
N THR A 378 -7.57 19.72 -8.89
CA THR A 378 -6.17 19.96 -9.27
C THR A 378 -5.99 20.07 -10.78
N GLY A 379 -7.05 19.93 -11.57
CA GLY A 379 -6.93 19.97 -13.03
C GLY A 379 -6.15 18.81 -13.64
N SER A 380 -6.35 17.59 -13.13
CA SER A 380 -5.58 16.41 -13.53
C SER A 380 -6.47 15.46 -14.33
N PRO A 381 -6.34 15.38 -15.67
CA PRO A 381 -7.22 14.46 -16.42
C PRO A 381 -6.83 12.99 -16.28
N THR A 382 -5.61 12.71 -15.82
CA THR A 382 -5.04 11.38 -15.72
C THR A 382 -4.21 11.32 -14.44
N ILE A 383 -3.85 10.10 -14.02
CA ILE A 383 -3.00 9.94 -12.83
C ILE A 383 -1.60 10.49 -13.09
N GLU A 384 -1.10 10.38 -14.33
CA GLU A 384 0.21 10.93 -14.65
C GLU A 384 0.26 12.45 -14.45
N VAL A 385 -0.86 13.16 -14.66
CA VAL A 385 -0.89 14.60 -14.36
C VAL A 385 -1.04 14.84 -12.86
N LEU A 386 -1.83 14.02 -12.15
CA LEU A 386 -1.93 14.19 -10.69
C LEU A 386 -0.58 14.09 -9.99
N GLN A 387 0.34 13.27 -10.53
CA GLN A 387 1.69 13.11 -9.98
C GLN A 387 2.52 14.38 -10.06
N GLN A 388 2.04 15.42 -10.76
CA GLN A 388 2.70 16.72 -10.84
C GLN A 388 2.05 17.80 -9.96
N ALA A 389 1.03 17.46 -9.16
CA ALA A 389 0.34 18.46 -8.35
C ALA A 389 1.20 18.94 -7.19
N GLN A 390 0.84 20.12 -6.62
CA GLN A 390 1.58 20.73 -5.52
C GLN A 390 0.83 20.65 -4.18
N PHE A 391 1.60 20.65 -3.07
CA PHE A 391 1.12 20.65 -1.69
C PHE A 391 1.26 22.01 -1.00
N VAL A 392 0.39 22.28 -0.02
CA VAL A 392 0.62 23.25 1.04
C VAL A 392 0.82 22.50 2.37
N ARG A 393 1.83 22.91 3.14
CA ARG A 393 2.05 22.31 4.46
C ARG A 393 1.17 22.96 5.51
N ILE A 394 0.68 22.17 6.46
CA ILE A 394 -0.19 22.74 7.48
C ILE A 394 0.44 22.56 8.87
N THR A 395 -0.05 23.34 9.82
CA THR A 395 0.40 23.29 11.21
C THR A 395 -0.53 22.42 12.04
N PRO A 396 -0.17 22.16 13.30
CA PRO A 396 -1.07 21.41 14.19
C PRO A 396 -2.44 22.03 14.35
N ALA A 397 -2.53 23.36 14.34
CA ALA A 397 -3.84 23.99 14.50
C ALA A 397 -4.74 23.72 13.31
N GLY A 398 -4.15 23.48 12.13
CA GLY A 398 -4.96 23.26 10.94
C GLY A 398 -5.47 21.84 10.79
N LEU A 399 -4.84 20.89 11.46
CA LEU A 399 -5.29 19.50 11.34
C LEU A 399 -6.51 19.25 12.21
N LYS A 400 -6.53 19.79 13.43
CA LYS A 400 -7.62 19.53 14.35
C LYS A 400 -8.96 19.92 13.76
N GLU A 401 -9.01 20.98 12.95
CA GLU A 401 -10.26 21.42 12.35
C GLU A 401 -10.63 20.62 11.11
N SER A 402 -9.71 19.82 10.56
CA SER A 402 -10.01 19.05 9.36
C SER A 402 -10.99 17.93 9.65
N HIS A 403 -10.82 17.23 10.77
CA HIS A 403 -11.85 16.30 11.20
C HIS A 403 -13.05 17.08 11.69
N PRO A 404 -14.27 16.80 11.17
CA PRO A 404 -15.41 17.73 11.32
C PRO A 404 -15.37 18.57 12.59
N HIS A 405 -14.98 19.84 12.45
CA HIS A 405 -14.67 20.68 13.60
C HIS A 405 -15.94 21.40 14.07
N ASP A 406 -16.40 21.02 15.27
CA ASP A 406 -17.37 21.78 16.05
C ASP A 406 -18.70 21.98 15.30
N VAL A 407 -19.39 20.85 15.08
CA VAL A 407 -20.78 20.82 14.66
C VAL A 407 -21.31 19.42 14.89
N ALA A 408 -22.01 19.21 16.01
CA ALA A 408 -22.51 17.89 16.40
C ALA A 408 -23.06 17.12 15.21
N MET A 409 -22.35 16.10 14.76
CA MET A 409 -22.82 15.26 13.66
C MET A 409 -24.00 14.42 14.11
N THR A 410 -24.98 14.26 13.21
CA THR A 410 -26.22 13.58 13.56
C THR A 410 -26.53 12.43 12.61
N VAL A 411 -26.17 12.58 11.34
CA VAL A 411 -26.52 11.59 10.32
C VAL A 411 -25.25 10.88 9.85
N GLU A 412 -25.44 9.67 9.35
CA GLU A 412 -24.33 8.89 8.81
C GLU A 412 -23.80 9.50 7.53
N ALA A 413 -22.48 9.42 7.34
CA ALA A 413 -21.83 9.83 6.11
C ALA A 413 -21.16 8.63 5.47
N PRO A 414 -21.35 8.40 4.16
CA PRO A 414 -20.77 7.19 3.55
C PRO A 414 -19.25 7.21 3.49
N ASN A 415 -18.64 8.40 3.40
CA ASN A 415 -17.20 8.50 3.26
C ASN A 415 -16.55 9.26 4.41
P IMP B . -2.87 -0.07 6.93
O1P IMP B . -3.55 -0.04 5.56
O2P IMP B . -2.51 1.30 7.52
O3P IMP B . -3.68 -0.90 7.91
O5' IMP B . -1.45 -0.83 6.71
C5' IMP B . -1.32 -2.17 6.18
C4' IMP B . 0.13 -2.47 5.89
O4' IMP B . 0.83 -2.66 7.15
C3' IMP B . 0.42 -3.76 5.13
O3' IMP B . 0.16 -3.69 3.73
C2' IMP B . 1.88 -4.02 5.50
O2' IMP B . 2.77 -3.25 4.69
C1' IMP B . 1.96 -3.48 6.94
N9 IMP B . 2.02 -4.52 7.99
C8 IMP B . 1.32 -5.70 8.04
N7 IMP B . 1.53 -6.38 9.17
C5 IMP B . 2.41 -5.59 9.88
C6 IMP B . 2.98 -5.75 11.22
O6 IMP B . 2.74 -6.63 12.04
N1 IMP B . 3.82 -4.71 11.56
C2 IMP B . 4.08 -3.65 10.75
N3 IMP B . 3.56 -3.45 9.57
C4 IMP B . 2.73 -4.45 9.17
C4 A1A3K C . 10.19 -8.65 11.89
C5 A1A3K C . 11.38 -8.92 11.22
C6 A1A3K C . 11.50 -10.12 10.52
C8 A1A3K C . 9.35 -10.74 11.09
C9 A1A3K C . 12.51 -7.97 11.26
C12 A1A3K C . 13.84 -6.29 11.84
C13 A1A3K C . 14.40 -7.00 10.81
C3 A1A3K C . 9.17 -9.57 11.82
C1 A1A3K C . 7.98 -9.56 14.02
C17 A1A3K C . 6.90 -7.72 11.00
C18 A1A3K C . 6.87 -6.38 10.63
C19 A1A3K C . 6.42 -6.01 9.37
C2 A1A3K C . 7.85 -9.37 12.50
C20 A1A3K C . 6.01 -6.97 8.48
C21 A1A3K C . 6.03 -8.32 8.82
C22 A1A3K C . 6.48 -8.69 10.09
C23 A1A3K C . 5.60 -9.40 7.88
C24 A1A3K C . 5.54 -10.73 8.17
C25 A1A3K C . 5.10 -11.41 7.01
N10 A1A3K C . 12.64 -6.90 12.13
N14 A1A3K C . 13.58 -8.01 10.48
N26 A1A3K C . 4.92 -10.52 6.07
N27 A1A3K C . 5.23 -9.25 6.58
N7 A1A3K C . 10.50 -10.98 10.48
O16 A1A3K C . 7.32 -8.07 12.26
CL15 A1A3K C . 15.92 -6.63 10.05
H33 A1A3K C . 10.06 -7.73 12.45
H34 A1A3K C . 12.43 -10.34 10.01
H35 A1A3K C . 8.55 -11.47 11.04
H36 A1A3K C . 14.25 -5.43 12.33
H30 A1A3K C . 8.25 -10.60 14.23
H29 A1A3K C . 7.04 -9.32 14.50
H31 A1A3K C . 8.77 -8.90 14.40
H37 A1A3K C . 7.21 -5.62 11.33
H38 A1A3K C . 6.40 -4.97 9.09
H32 A1A3K C . 7.17 -10.12 12.09
H39 A1A3K C . 5.67 -6.67 7.49
H40 A1A3K C . 6.52 -9.73 10.37
H41 A1A3K C . 5.78 -11.19 9.11
H42 A1A3K C . 4.95 -12.47 6.92
H11 A1A3K C . 12.00 -6.63 12.82
H28 A1A3K C . 5.18 -8.42 6.09
#